data_8RBE
#
_entry.id   8RBE
#
_cell.length_a   41.616
_cell.length_b   74.840
_cell.length_c   97.595
_cell.angle_alpha   90.000
_cell.angle_beta   91.360
_cell.angle_gamma   90.000
#
_symmetry.space_group_name_H-M   'P 1 21 1'
#
loop_
_entity.id
_entity.type
_entity.pdbx_description
1 polymer 'Mycolic acid methyltransferase MmaA1'
2 non-polymer GLYCEROL
3 water water
#
_entity_poly.entity_id   1
_entity_poly.type   'polypeptide(L)'
_entity_poly.pdbx_seq_one_letter_code
;HMAKLRPYYEESQSAYDISDDFFALFLDPTWVYTCAYFERDDMTLEEAQLAKVDLALDKLNLEPGMTLLDVGCGWGGALV
RAVEKYDVNVIGLTLSRNHYERSKDRLAAIGTQRRAEARLQGWEEFEENVDRIVSFEAFDAFKKERYLTFFERSYDILPD
DGRMLLHSLFTYDRRWLHEQGIALTMSDLRFLKFLRESIFPGGELPSEPDIVDNAQAAGFTIEHVQLLQQHYARTLDAWA
ANLQAARERAIAVQSEEVYNNFMHYLTGCAERFRRGLINVAQFTMTK
;
_entity_poly.pdbx_strand_id   A,B
#
# COMPACT_ATOMS: atom_id res chain seq x y z
N ASP A 17 12.56 -12.52 -12.58
CA ASP A 17 11.31 -12.03 -13.14
C ASP A 17 10.10 -12.41 -12.28
N ILE A 18 9.04 -11.63 -12.39
CA ILE A 18 7.79 -11.96 -11.71
C ILE A 18 7.08 -13.04 -12.52
N SER A 19 6.66 -14.10 -11.83
CA SER A 19 6.05 -15.24 -12.48
C SER A 19 4.71 -14.86 -13.12
N ASP A 20 4.41 -15.51 -14.25
CA ASP A 20 3.07 -15.44 -14.83
C ASP A 20 2.01 -15.84 -13.81
N ASP A 21 2.35 -16.77 -12.91
CA ASP A 21 1.39 -17.22 -11.90
C ASP A 21 0.99 -16.09 -10.96
N PHE A 22 1.88 -15.11 -10.75
CA PHE A 22 1.53 -13.95 -9.94
C PHE A 22 0.57 -13.04 -10.69
N PHE A 23 0.89 -12.71 -11.95
CA PHE A 23 0.00 -11.86 -12.74
C PHE A 23 -1.36 -12.50 -12.95
N ALA A 24 -1.42 -13.83 -13.05
CA ALA A 24 -2.69 -14.51 -13.27
C ALA A 24 -3.67 -14.31 -12.13
N LEU A 25 -3.18 -13.90 -10.95
CA LEU A 25 -4.04 -13.71 -9.79
C LEU A 25 -4.85 -12.42 -9.84
N PHE A 26 -4.46 -11.45 -10.68
CA PHE A 26 -5.20 -10.19 -10.73
C PHE A 26 -5.55 -9.69 -12.13
N LEU A 27 -5.00 -10.28 -13.18
CA LEU A 27 -5.41 -9.94 -14.54
C LEU A 27 -6.65 -10.75 -14.94
N ASP A 28 -7.39 -10.21 -15.90
CA ASP A 28 -8.55 -10.91 -16.44
C ASP A 28 -8.07 -11.99 -17.41
N PRO A 29 -8.98 -12.84 -17.90
CA PRO A 29 -8.54 -13.95 -18.79
C PRO A 29 -7.89 -13.51 -20.10
N THR A 30 -7.97 -12.24 -20.50
CA THR A 30 -7.25 -11.82 -21.70
C THR A 30 -5.77 -11.60 -21.45
N TRP A 31 -5.33 -11.60 -20.19
CA TRP A 31 -3.94 -11.30 -19.81
C TRP A 31 -3.49 -9.92 -20.27
N VAL A 32 -4.42 -9.00 -20.49
CA VAL A 32 -4.06 -7.64 -20.89
C VAL A 32 -3.67 -6.84 -19.66
N TYR A 33 -2.45 -6.32 -19.67
CA TYR A 33 -1.86 -5.59 -18.54
C TYR A 33 -1.69 -4.10 -18.89
N THR A 34 -2.67 -3.55 -19.61
CA THR A 34 -2.68 -2.15 -19.97
C THR A 34 -4.06 -1.58 -19.68
N CYS A 35 -4.19 -0.26 -19.84
CA CYS A 35 -5.41 0.46 -19.50
C CYS A 35 -6.63 -0.13 -20.21
N ALA A 36 -7.65 -0.48 -19.43
CA ALA A 36 -8.90 -0.94 -20.03
C ALA A 36 -9.75 0.26 -20.43
N TYR A 37 -10.88 -0.04 -21.08
CA TYR A 37 -11.81 0.99 -21.55
C TYR A 37 -13.22 0.58 -21.14
N PHE A 38 -13.71 1.16 -20.04
CA PHE A 38 -15.05 0.86 -19.57
C PHE A 38 -16.05 1.64 -20.41
N GLU A 39 -16.26 1.13 -21.64
CA GLU A 39 -17.15 1.77 -22.59
C GLU A 39 -18.58 1.84 -22.07
N ARG A 40 -19.03 0.77 -21.42
CA ARG A 40 -20.25 0.79 -20.61
C ARG A 40 -19.83 0.73 -19.15
N ASP A 41 -20.55 1.47 -18.31
CA ASP A 41 -20.12 1.59 -16.92
C ASP A 41 -20.18 0.26 -16.17
N ASP A 42 -21.01 -0.67 -16.61
CA ASP A 42 -21.17 -1.95 -15.92
C ASP A 42 -20.41 -3.09 -16.60
N MET A 43 -19.36 -2.79 -17.36
CA MET A 43 -18.55 -3.87 -17.92
C MET A 43 -17.68 -4.49 -16.84
N THR A 44 -17.47 -5.80 -16.96
CA THR A 44 -16.43 -6.47 -16.20
C THR A 44 -15.06 -6.04 -16.70
N LEU A 45 -14.02 -6.42 -15.94
CA LEU A 45 -12.66 -6.09 -16.37
C LEU A 45 -12.35 -6.69 -17.73
N GLU A 46 -12.75 -7.94 -17.97
CA GLU A 46 -12.50 -8.57 -19.25
C GLU A 46 -13.22 -7.85 -20.38
N GLU A 47 -14.48 -7.48 -20.18
CA GLU A 47 -15.21 -6.76 -21.22
C GLU A 47 -14.57 -5.41 -21.52
N ALA A 48 -14.06 -4.73 -20.48
CA ALA A 48 -13.43 -3.43 -20.68
C ALA A 48 -12.07 -3.56 -21.37
N GLN A 49 -11.37 -4.67 -21.19
CA GLN A 49 -10.10 -4.86 -21.90
C GLN A 49 -10.34 -5.17 -23.36
N LEU A 50 -11.34 -6.00 -23.67
CA LEU A 50 -11.70 -6.23 -25.06
C LEU A 50 -12.21 -4.95 -25.70
N ALA A 51 -12.93 -4.13 -24.94
CA ALA A 51 -13.42 -2.86 -25.49
C ALA A 51 -12.27 -1.92 -25.80
N LYS A 52 -11.22 -1.93 -24.98
CA LYS A 52 -10.05 -1.11 -25.26
C LYS A 52 -9.36 -1.55 -26.53
N VAL A 53 -9.18 -2.87 -26.70
CA VAL A 53 -8.57 -3.40 -27.91
C VAL A 53 -9.43 -3.05 -29.12
N ASP A 54 -10.75 -3.31 -29.02
CA ASP A 54 -11.66 -2.97 -30.11
C ASP A 54 -11.65 -1.47 -30.40
N LEU A 55 -11.62 -0.64 -29.36
CA LEU A 55 -11.55 0.81 -29.56
C LEU A 55 -10.37 1.20 -30.41
N ALA A 56 -9.20 0.62 -30.14
CA ALA A 56 -8.00 0.90 -30.91
C ALA A 56 -8.09 0.31 -32.31
N LEU A 57 -8.51 -0.96 -32.41
CA LEU A 57 -8.51 -1.62 -33.71
C LEU A 57 -9.56 -1.04 -34.64
N ASP A 58 -10.69 -0.56 -34.09
CA ASP A 58 -11.70 0.09 -34.92
C ASP A 58 -11.14 1.33 -35.62
N LYS A 59 -10.22 2.03 -34.98
CA LYS A 59 -9.63 3.23 -35.58
C LYS A 59 -8.67 2.91 -36.71
N LEU A 60 -8.30 1.65 -36.89
CA LEU A 60 -7.36 1.27 -37.93
C LEU A 60 -8.05 0.88 -39.23
N ASN A 61 -9.38 0.79 -39.24
CA ASN A 61 -10.15 0.46 -40.43
C ASN A 61 -9.68 -0.87 -41.04
N LEU A 62 -9.61 -1.88 -40.19
CA LEU A 62 -9.10 -3.18 -40.62
C LEU A 62 -10.09 -3.88 -41.55
N GLU A 63 -9.55 -4.54 -42.57
CA GLU A 63 -10.32 -5.45 -43.39
C GLU A 63 -9.72 -6.85 -43.28
N PRO A 64 -10.54 -7.89 -43.36
CA PRO A 64 -10.02 -9.26 -43.21
C PRO A 64 -8.88 -9.52 -44.19
N GLY A 65 -7.82 -10.16 -43.69
CA GLY A 65 -6.66 -10.45 -44.50
C GLY A 65 -5.55 -9.42 -44.44
N MET A 66 -5.82 -8.25 -43.86
CA MET A 66 -4.76 -7.30 -43.60
C MET A 66 -3.76 -7.89 -42.62
N THR A 67 -2.56 -7.31 -42.60
CA THR A 67 -1.51 -7.71 -41.67
C THR A 67 -1.33 -6.61 -40.63
N LEU A 68 -1.49 -6.97 -39.36
CA LEU A 68 -1.41 -6.04 -38.24
C LEU A 68 -0.16 -6.33 -37.42
N LEU A 69 0.64 -5.30 -37.17
CA LEU A 69 1.80 -5.39 -36.29
C LEU A 69 1.43 -4.86 -34.90
N ASP A 70 1.73 -5.63 -33.86
CA ASP A 70 1.54 -5.20 -32.48
C ASP A 70 2.92 -5.05 -31.85
N VAL A 71 3.30 -3.81 -31.54
CA VAL A 71 4.61 -3.53 -30.96
C VAL A 71 4.47 -3.57 -29.44
N GLY A 72 5.11 -4.55 -28.82
CA GLY A 72 4.96 -4.75 -27.39
C GLY A 72 3.71 -5.54 -27.08
N CYS A 73 3.64 -6.75 -27.61
CA CYS A 73 2.40 -7.52 -27.63
C CYS A 73 2.04 -8.15 -26.29
N GLY A 74 2.92 -8.05 -25.29
CA GLY A 74 2.57 -8.60 -23.98
C GLY A 74 2.28 -10.08 -24.07
N TRP A 75 1.31 -10.54 -23.30
CA TRP A 75 0.94 -11.95 -23.29
C TRP A 75 -0.04 -12.31 -24.42
N GLY A 76 -0.21 -11.43 -25.41
CA GLY A 76 -0.92 -11.78 -26.62
C GLY A 76 -2.39 -11.43 -26.66
N GLY A 77 -2.92 -10.74 -25.64
CA GLY A 77 -4.35 -10.50 -25.58
C GLY A 77 -4.88 -9.73 -26.77
N ALA A 78 -4.17 -8.67 -27.17
CA ALA A 78 -4.64 -7.84 -28.27
C ALA A 78 -4.56 -8.57 -29.61
N LEU A 79 -3.49 -9.34 -29.84
CA LEU A 79 -3.38 -10.08 -31.09
C LEU A 79 -4.46 -11.15 -31.19
N VAL A 80 -4.73 -11.85 -30.09
CA VAL A 80 -5.77 -12.87 -30.09
C VAL A 80 -7.12 -12.24 -30.44
N ARG A 81 -7.42 -11.10 -29.83
CA ARG A 81 -8.65 -10.39 -30.17
C ARG A 81 -8.64 -9.93 -31.62
N ALA A 82 -7.47 -9.51 -32.12
CA ALA A 82 -7.35 -9.05 -33.49
C ALA A 82 -7.71 -10.17 -34.47
N VAL A 83 -7.17 -11.37 -34.23
CA VAL A 83 -7.48 -12.49 -35.11
C VAL A 83 -8.95 -12.90 -34.99
N GLU A 84 -9.43 -13.03 -33.75
CA GLU A 84 -10.75 -13.59 -33.51
C GLU A 84 -11.86 -12.68 -34.04
N LYS A 85 -11.79 -11.39 -33.72
CA LYS A 85 -12.86 -10.49 -34.11
C LYS A 85 -12.66 -9.89 -35.50
N TYR A 86 -11.41 -9.56 -35.86
CA TYR A 86 -11.15 -8.80 -37.08
C TYR A 86 -10.57 -9.64 -38.22
N ASP A 87 -10.20 -10.90 -37.97
CA ASP A 87 -9.79 -11.83 -39.02
C ASP A 87 -8.62 -11.29 -39.82
N VAL A 88 -7.61 -10.77 -39.11
CA VAL A 88 -6.42 -10.22 -39.75
C VAL A 88 -5.24 -11.14 -39.48
N ASN A 89 -4.26 -11.08 -40.38
CA ASN A 89 -2.93 -11.61 -40.09
C ASN A 89 -2.24 -10.71 -39.06
N VAL A 90 -1.49 -11.31 -38.14
CA VAL A 90 -0.89 -10.57 -37.04
C VAL A 90 0.57 -10.95 -36.86
N ILE A 91 1.39 -9.97 -36.51
CA ILE A 91 2.75 -10.15 -36.03
C ILE A 91 2.85 -9.40 -34.71
N GLY A 92 3.28 -10.10 -33.66
CA GLY A 92 3.51 -9.48 -32.37
C GLY A 92 5.00 -9.46 -32.05
N LEU A 93 5.47 -8.32 -31.56
CA LEU A 93 6.84 -8.14 -31.14
C LEU A 93 6.90 -7.96 -29.63
N THR A 94 7.88 -8.58 -29.00
CA THR A 94 8.13 -8.39 -27.58
C THR A 94 9.58 -8.74 -27.32
N LEU A 95 10.15 -8.12 -26.28
CA LEU A 95 11.49 -8.44 -25.83
C LEU A 95 11.48 -9.27 -24.54
N SER A 96 10.29 -9.57 -24.02
CA SER A 96 10.13 -10.35 -22.80
C SER A 96 9.85 -11.80 -23.17
N ARG A 97 10.66 -12.73 -22.64
CA ARG A 97 10.48 -14.12 -22.99
C ARG A 97 9.18 -14.69 -22.44
N ASN A 98 8.78 -14.30 -21.22
CA ASN A 98 7.49 -14.72 -20.69
C ASN A 98 6.34 -14.24 -21.57
N HIS A 99 6.43 -13.00 -22.05
CA HIS A 99 5.41 -12.49 -22.96
C HIS A 99 5.39 -13.27 -24.26
N TYR A 100 6.57 -13.52 -24.82
CA TYR A 100 6.65 -14.23 -26.09
C TYR A 100 6.06 -15.63 -25.99
N GLU A 101 6.43 -16.37 -24.93
CA GLU A 101 5.98 -17.75 -24.82
C GLU A 101 4.47 -17.84 -24.76
N ARG A 102 3.83 -17.00 -23.94
CA ARG A 102 2.37 -17.07 -23.83
C ARG A 102 1.70 -16.58 -25.12
N SER A 103 2.24 -15.53 -25.73
CA SER A 103 1.72 -15.06 -27.01
C SER A 103 1.81 -16.16 -28.07
N LYS A 104 2.99 -16.80 -28.16
CA LYS A 104 3.18 -17.89 -29.11
C LYS A 104 2.15 -19.01 -28.90
N ASP A 105 1.98 -19.44 -27.64
CA ASP A 105 1.06 -20.55 -27.36
C ASP A 105 -0.38 -20.17 -27.68
N ARG A 106 -0.80 -18.96 -27.28
CA ARG A 106 -2.19 -18.57 -27.49
C ARG A 106 -2.52 -18.41 -28.97
N LEU A 107 -1.60 -17.79 -29.73
CA LEU A 107 -1.86 -17.61 -31.15
C LEU A 107 -1.93 -18.94 -31.89
N ALA A 108 -1.11 -19.91 -31.47
CA ALA A 108 -1.14 -21.21 -32.10
C ALA A 108 -2.41 -21.97 -31.77
N ALA A 109 -2.99 -21.73 -30.59
CA ALA A 109 -4.22 -22.38 -30.20
C ALA A 109 -5.44 -21.78 -30.90
N ILE A 110 -5.32 -20.60 -31.49
CA ILE A 110 -6.40 -20.05 -32.29
C ILE A 110 -6.59 -20.91 -33.53
N GLY A 111 -7.86 -21.19 -33.85
CA GLY A 111 -8.16 -21.82 -35.11
C GLY A 111 -8.29 -20.79 -36.20
N THR A 112 -7.24 -20.58 -36.98
CA THR A 112 -7.28 -19.59 -38.04
C THR A 112 -6.45 -20.05 -39.22
N GLN A 113 -6.87 -19.64 -40.41
CA GLN A 113 -6.07 -19.81 -41.62
C GLN A 113 -5.11 -18.65 -41.82
N ARG A 114 -5.22 -17.60 -41.02
CA ARG A 114 -4.36 -16.43 -41.13
C ARG A 114 -2.99 -16.73 -40.52
N ARG A 115 -2.01 -15.89 -40.88
CA ARG A 115 -0.73 -15.91 -40.19
C ARG A 115 -0.87 -15.25 -38.82
N ALA A 116 -0.37 -15.93 -37.79
CA ALA A 116 -0.45 -15.43 -36.42
C ALA A 116 0.84 -15.82 -35.71
N GLU A 117 1.78 -14.89 -35.62
CA GLU A 117 3.08 -15.22 -35.06
C GLU A 117 3.50 -14.17 -34.03
N ALA A 118 4.15 -14.65 -32.98
CA ALA A 118 4.83 -13.81 -32.02
C ALA A 118 6.33 -13.93 -32.24
N ARG A 119 7.04 -12.84 -32.02
CA ARG A 119 8.49 -12.82 -32.20
C ARG A 119 9.17 -12.23 -30.97
N LEU A 120 10.26 -12.87 -30.55
CA LEU A 120 11.17 -12.30 -29.56
C LEU A 120 12.12 -11.36 -30.31
N GLN A 121 11.64 -10.13 -30.51
CA GLN A 121 12.33 -9.19 -31.39
C GLN A 121 11.91 -7.78 -31.02
N GLY A 122 12.86 -6.84 -31.09
CA GLY A 122 12.56 -5.44 -30.91
C GLY A 122 12.13 -4.79 -32.20
N TRP A 123 11.34 -3.71 -32.09
CA TRP A 123 10.89 -3.00 -33.28
C TRP A 123 12.08 -2.45 -34.07
N GLU A 124 13.19 -2.15 -33.40
CA GLU A 124 14.36 -1.62 -34.08
C GLU A 124 14.92 -2.59 -35.12
N GLU A 125 14.63 -3.88 -34.98
CA GLU A 125 15.11 -4.89 -35.91
C GLU A 125 14.04 -5.36 -36.89
N PHE A 126 12.80 -4.91 -36.71
CA PHE A 126 11.69 -5.32 -37.58
C PHE A 126 11.60 -4.39 -38.78
N GLU A 127 11.56 -4.98 -39.98
CA GLU A 127 11.61 -4.18 -41.20
C GLU A 127 10.67 -4.65 -42.30
N GLU A 128 9.67 -5.49 -41.98
CA GLU A 128 8.71 -5.93 -42.99
C GLU A 128 7.62 -4.89 -43.19
N ASN A 129 7.07 -4.86 -44.40
CA ASN A 129 5.85 -4.10 -44.64
C ASN A 129 4.66 -4.73 -43.92
N VAL A 130 3.86 -3.89 -43.26
CA VAL A 130 2.60 -4.29 -42.67
C VAL A 130 1.56 -3.27 -43.10
N ASP A 131 0.29 -3.64 -42.95
CA ASP A 131 -0.77 -2.72 -43.34
C ASP A 131 -1.12 -1.74 -42.24
N ARG A 132 -1.09 -2.19 -40.98
CA ARG A 132 -1.49 -1.36 -39.85
C ARG A 132 -0.60 -1.70 -38.66
N ILE A 133 -0.46 -0.75 -37.74
CA ILE A 133 0.32 -0.91 -36.53
C ILE A 133 -0.52 -0.51 -35.33
N VAL A 134 -0.44 -1.29 -34.27
CA VAL A 134 -1.01 -0.93 -32.98
C VAL A 134 0.06 -1.16 -31.92
N SER A 135 -0.02 -0.38 -30.84
CA SER A 135 0.95 -0.49 -29.76
C SER A 135 0.31 0.05 -28.48
N PHE A 136 0.31 -0.78 -27.44
CA PHE A 136 -0.32 -0.44 -26.16
C PHE A 136 0.76 -0.33 -25.08
N GLU A 137 1.06 0.91 -24.69
CA GLU A 137 1.93 1.20 -23.54
C GLU A 137 3.31 0.56 -23.67
N ALA A 138 3.83 0.55 -24.90
CA ALA A 138 5.23 0.24 -25.14
C ALA A 138 6.08 1.49 -25.33
N PHE A 139 5.52 2.50 -25.98
CA PHE A 139 6.26 3.71 -26.33
C PHE A 139 6.80 4.42 -25.10
N ASP A 140 6.00 4.48 -24.02
CA ASP A 140 6.42 5.25 -22.86
C ASP A 140 7.60 4.62 -22.13
N ALA A 141 8.06 3.45 -22.56
CA ALA A 141 9.26 2.82 -22.02
C ALA A 141 10.46 2.95 -22.95
N PHE A 142 10.27 3.50 -24.15
CA PHE A 142 11.38 3.71 -25.07
C PHE A 142 12.31 4.80 -24.53
N LYS A 143 13.57 4.75 -24.94
CA LYS A 143 14.47 5.87 -24.71
C LYS A 143 14.01 7.07 -25.55
N LYS A 144 14.18 8.27 -24.99
CA LYS A 144 13.81 9.47 -25.74
C LYS A 144 14.62 9.59 -27.02
N GLU A 145 15.82 9.02 -27.04
CA GLU A 145 16.66 9.02 -28.23
C GLU A 145 16.09 8.16 -29.35
N ARG A 146 15.03 7.39 -29.08
CA ARG A 146 14.40 6.52 -30.06
C ARG A 146 13.01 6.99 -30.47
N TYR A 147 12.50 8.09 -29.89
CA TYR A 147 11.15 8.54 -30.18
C TYR A 147 10.97 8.79 -31.68
N LEU A 148 11.82 9.61 -32.27
CA LEU A 148 11.70 9.93 -33.69
C LEU A 148 11.96 8.70 -34.56
N THR A 149 13.00 7.94 -34.23
CA THR A 149 13.34 6.74 -35.01
C THR A 149 12.17 5.76 -35.04
N PHE A 150 11.43 5.65 -33.93
CA PHE A 150 10.27 4.77 -33.91
C PHE A 150 9.22 5.20 -34.93
N PHE A 151 8.92 6.49 -34.98
CA PHE A 151 7.91 6.97 -35.92
C PHE A 151 8.40 6.93 -37.37
N GLU A 152 9.69 7.18 -37.58
CA GLU A 152 10.25 7.05 -38.92
C GLU A 152 10.16 5.61 -39.42
N ARG A 153 10.50 4.64 -38.57
CA ARG A 153 10.38 3.24 -38.95
C ARG A 153 8.92 2.85 -39.16
N SER A 154 8.04 3.27 -38.26
CA SER A 154 6.61 2.98 -38.40
C SER A 154 6.08 3.53 -39.71
N TYR A 155 6.41 4.78 -40.01
CA TYR A 155 5.99 5.40 -41.27
C TYR A 155 6.49 4.60 -42.46
N ASP A 156 7.73 4.09 -42.37
CA ASP A 156 8.35 3.46 -43.52
C ASP A 156 7.73 2.11 -43.85
N ILE A 157 7.36 1.33 -42.82
CA ILE A 157 6.85 -0.01 -43.07
C ILE A 157 5.35 -0.05 -43.37
N LEU A 158 4.64 1.08 -43.24
CA LEU A 158 3.23 1.20 -43.54
C LEU A 158 3.03 1.55 -45.02
N PRO A 159 1.90 1.15 -45.61
CA PRO A 159 1.61 1.55 -47.00
C PRO A 159 1.25 3.03 -47.09
N ASP A 160 0.98 3.52 -48.31
CA ASP A 160 0.71 4.94 -48.49
C ASP A 160 -0.53 5.39 -47.73
N ASP A 161 -1.52 4.52 -47.56
CA ASP A 161 -2.71 4.82 -46.78
C ASP A 161 -2.68 4.15 -45.41
N GLY A 162 -1.49 3.86 -44.89
CA GLY A 162 -1.38 3.17 -43.63
C GLY A 162 -1.87 3.99 -42.46
N ARG A 163 -2.12 3.30 -41.35
CA ARG A 163 -2.56 3.92 -40.11
C ARG A 163 -1.88 3.25 -38.94
N MET A 164 -1.62 4.01 -37.89
CA MET A 164 -1.09 3.49 -36.64
C MET A 164 -1.94 4.01 -35.50
N LEU A 165 -2.21 3.14 -34.53
CA LEU A 165 -2.86 3.53 -33.29
C LEU A 165 -1.80 3.40 -32.19
N LEU A 166 -1.31 4.53 -31.70
CA LEU A 166 -0.35 4.57 -30.62
C LEU A 166 -1.10 4.83 -29.32
N HIS A 167 -1.13 3.82 -28.45
CA HIS A 167 -1.70 3.93 -27.12
C HIS A 167 -0.53 4.05 -26.15
N SER A 168 -0.45 5.18 -25.45
CA SER A 168 0.75 5.49 -24.69
C SER A 168 0.43 6.33 -23.45
N LEU A 169 1.15 6.06 -22.36
CA LEU A 169 1.19 6.99 -21.24
C LEU A 169 2.00 8.23 -21.60
N PHE A 170 1.67 9.34 -20.93
CA PHE A 170 2.54 10.50 -21.00
C PHE A 170 2.37 11.33 -19.74
N THR A 171 3.31 12.25 -19.52
CA THR A 171 3.37 13.02 -18.29
C THR A 171 3.19 14.51 -18.58
N TYR A 172 3.04 15.27 -17.51
CA TYR A 172 2.88 16.72 -17.56
C TYR A 172 3.98 17.38 -16.75
N ASP A 173 4.38 18.57 -17.16
CA ASP A 173 5.39 19.30 -16.40
C ASP A 173 4.74 20.19 -15.35
N ARG A 174 5.57 20.69 -14.44
CA ARG A 174 5.09 21.52 -13.32
C ARG A 174 4.19 22.64 -13.79
N ARG A 175 4.57 23.33 -14.87
CA ARG A 175 3.85 24.54 -15.26
C ARG A 175 2.46 24.22 -15.78
N TRP A 176 2.33 23.18 -16.61
CA TRP A 176 1.01 22.81 -17.11
C TRP A 176 0.12 22.34 -15.97
N LEU A 177 0.66 21.52 -15.06
CA LEU A 177 -0.10 21.08 -13.90
C LEU A 177 -0.59 22.25 -13.07
N HIS A 178 0.27 23.24 -12.84
CA HIS A 178 -0.12 24.41 -12.07
C HIS A 178 -1.28 25.14 -12.74
N GLU A 179 -1.22 25.28 -14.08
CA GLU A 179 -2.32 25.91 -14.80
C GLU A 179 -3.62 25.14 -14.64
N GLN A 180 -3.53 23.82 -14.46
CA GLN A 180 -4.71 22.99 -14.19
C GLN A 180 -5.06 22.94 -12.71
N GLY A 181 -4.37 23.71 -11.87
CA GLY A 181 -4.66 23.70 -10.45
C GLY A 181 -4.09 22.54 -9.68
N ILE A 182 -3.05 21.90 -10.22
CA ILE A 182 -2.44 20.72 -9.62
C ILE A 182 -1.00 21.03 -9.29
N ALA A 183 -0.56 20.59 -8.10
CA ALA A 183 0.83 20.69 -7.70
C ALA A 183 1.33 19.30 -7.29
N LEU A 184 2.61 19.05 -7.55
CA LEU A 184 3.24 17.81 -7.10
C LEU A 184 3.59 17.92 -5.61
N THR A 185 3.18 16.92 -4.84
CA THR A 185 3.48 16.87 -3.43
C THR A 185 4.75 16.06 -3.17
N MET A 186 5.31 16.24 -1.96
CA MET A 186 6.45 15.43 -1.54
C MET A 186 6.13 13.95 -1.67
N SER A 187 4.90 13.56 -1.36
CA SER A 187 4.48 12.18 -1.54
C SER A 187 4.56 11.76 -3.00
N ASP A 188 4.22 12.67 -3.92
CA ASP A 188 4.31 12.36 -5.34
C ASP A 188 5.75 12.16 -5.78
N LEU A 189 6.68 12.96 -5.23
CA LEU A 189 8.09 12.76 -5.57
C LEU A 189 8.61 11.44 -5.03
N ARG A 190 8.25 11.09 -3.78
CA ARG A 190 8.69 9.82 -3.23
C ARG A 190 8.14 8.64 -4.05
N PHE A 191 6.91 8.78 -4.56
CA PHE A 191 6.37 7.73 -5.42
C PHE A 191 7.11 7.67 -6.75
N LEU A 192 7.46 8.83 -7.31
CA LEU A 192 8.22 8.87 -8.55
C LEU A 192 9.57 8.18 -8.39
N LYS A 193 10.23 8.39 -7.24
CA LYS A 193 11.48 7.68 -6.98
C LYS A 193 11.24 6.17 -6.89
N PHE A 194 10.17 5.76 -6.18
CA PHE A 194 9.90 4.34 -6.03
C PHE A 194 9.68 3.66 -7.38
N LEU A 195 9.13 4.38 -8.36
CA LEU A 195 8.92 3.81 -9.68
C LEU A 195 10.26 3.53 -10.37
N ARG A 196 11.06 4.56 -10.56
CA ARG A 196 12.34 4.40 -11.26
C ARG A 196 13.26 3.43 -10.54
N GLU A 197 13.26 3.46 -9.21
CA GLU A 197 14.16 2.65 -8.41
C GLU A 197 13.65 1.23 -8.21
N SER A 198 12.41 0.93 -8.63
CA SER A 198 11.91 -0.43 -8.64
C SER A 198 11.64 -0.92 -10.06
N ILE A 199 10.71 -1.86 -10.22
CA ILE A 199 10.55 -2.59 -11.48
C ILE A 199 9.21 -2.26 -12.12
N PHE A 200 8.76 -1.03 -11.99
CA PHE A 200 7.43 -0.65 -12.45
C PHE A 200 7.47 0.45 -13.50
N PRO A 201 6.43 0.55 -14.33
CA PRO A 201 6.37 1.62 -15.33
C PRO A 201 5.97 2.95 -14.69
N GLY A 202 6.06 4.00 -15.50
CA GLY A 202 5.73 5.34 -15.05
C GLY A 202 6.92 6.24 -14.79
N GLY A 203 8.14 5.69 -14.81
CA GLY A 203 9.33 6.50 -14.63
C GLY A 203 9.88 6.94 -15.97
N GLU A 204 10.21 8.23 -16.07
CA GLU A 204 10.76 8.83 -17.29
C GLU A 204 9.78 8.70 -18.46
N LEU A 205 8.54 9.12 -18.23
CA LEU A 205 7.52 9.10 -19.26
C LEU A 205 7.80 10.18 -20.30
N PRO A 206 7.33 9.98 -21.54
CA PRO A 206 7.36 11.07 -22.52
C PRO A 206 6.32 12.11 -22.17
N SER A 207 6.53 13.32 -22.66
CA SER A 207 5.49 14.31 -22.63
C SER A 207 4.57 14.13 -23.84
N GLU A 208 3.43 14.83 -23.82
CA GLU A 208 2.58 14.83 -25.01
C GLU A 208 3.29 15.37 -26.24
N PRO A 209 4.07 16.46 -26.17
CA PRO A 209 4.81 16.88 -27.37
C PRO A 209 5.83 15.86 -27.84
N ASP A 210 6.44 15.09 -26.93
CA ASP A 210 7.36 14.02 -27.34
C ASP A 210 6.67 13.06 -28.30
N ILE A 211 5.38 12.79 -28.08
CA ILE A 211 4.63 11.91 -28.98
C ILE A 211 4.24 12.67 -30.24
N VAL A 212 3.57 13.81 -30.08
CA VAL A 212 2.94 14.48 -31.22
C VAL A 212 4.01 15.06 -32.15
N ASP A 213 4.99 15.77 -31.59
CA ASP A 213 5.95 16.49 -32.43
C ASP A 213 6.82 15.53 -33.23
N ASN A 214 7.26 14.43 -32.61
CA ASN A 214 8.10 13.47 -33.32
C ASN A 214 7.29 12.71 -34.36
N ALA A 215 6.05 12.34 -34.03
CA ALA A 215 5.20 11.67 -35.01
C ALA A 215 4.94 12.57 -36.22
N GLN A 216 4.73 13.86 -35.98
CA GLN A 216 4.48 14.77 -37.10
C GLN A 216 5.75 15.01 -37.90
N ALA A 217 6.91 15.07 -37.23
CA ALA A 217 8.17 15.21 -37.94
C ALA A 217 8.41 14.05 -38.88
N ALA A 218 7.94 12.86 -38.52
CA ALA A 218 8.09 11.68 -39.37
C ALA A 218 7.06 11.63 -40.48
N GLY A 219 6.10 12.54 -40.50
CA GLY A 219 5.12 12.62 -41.57
C GLY A 219 3.73 12.18 -41.19
N PHE A 220 3.50 11.77 -39.95
CA PHE A 220 2.16 11.36 -39.53
C PHE A 220 1.27 12.56 -39.27
N THR A 221 -0.02 12.38 -39.52
CA THR A 221 -1.05 13.30 -39.07
C THR A 221 -1.76 12.69 -37.87
N ILE A 222 -2.04 13.51 -36.86
CA ILE A 222 -2.77 13.07 -35.67
C ILE A 222 -4.24 13.30 -35.96
N GLU A 223 -4.92 12.23 -36.41
CA GLU A 223 -6.35 12.32 -36.69
C GLU A 223 -7.18 12.51 -35.42
N HIS A 224 -6.76 11.93 -34.31
CA HIS A 224 -7.63 11.87 -33.15
C HIS A 224 -6.81 11.50 -31.92
N VAL A 225 -7.09 12.18 -30.81
CA VAL A 225 -6.51 11.86 -29.51
C VAL A 225 -7.66 11.56 -28.57
N GLN A 226 -7.64 10.37 -27.97
CA GLN A 226 -8.66 9.99 -27.00
C GLN A 226 -7.98 9.74 -25.67
N LEU A 227 -8.31 10.57 -24.68
CA LEU A 227 -7.74 10.43 -23.34
C LEU A 227 -8.47 9.35 -22.56
N LEU A 228 -7.72 8.58 -21.78
CA LEU A 228 -8.30 7.49 -20.98
C LEU A 228 -7.90 7.59 -19.51
N GLN A 229 -7.52 8.79 -19.06
CA GLN A 229 -6.99 9.00 -17.72
C GLN A 229 -7.78 8.28 -16.62
N GLN A 230 -9.09 8.49 -16.57
CA GLN A 230 -9.87 7.91 -15.50
C GLN A 230 -10.25 6.45 -15.75
N HIS A 231 -10.17 5.98 -16.99
CA HIS A 231 -10.28 4.54 -17.22
C HIS A 231 -9.11 3.79 -16.64
N TYR A 232 -7.91 4.40 -16.63
CA TYR A 232 -6.77 3.72 -16.02
C TYR A 232 -6.90 3.70 -14.50
N ALA A 233 -7.39 4.79 -13.91
CA ALA A 233 -7.61 4.78 -12.46
C ALA A 233 -8.54 3.65 -12.05
N ARG A 234 -9.61 3.42 -12.83
CA ARG A 234 -10.52 2.32 -12.53
C ARG A 234 -9.87 0.97 -12.78
N THR A 235 -9.10 0.85 -13.88
CA THR A 235 -8.40 -0.40 -14.16
C THR A 235 -7.44 -0.76 -13.03
N LEU A 236 -6.64 0.20 -12.58
CA LEU A 236 -5.68 -0.06 -11.51
C LEU A 236 -6.39 -0.40 -10.20
N ASP A 237 -7.51 0.28 -9.92
CA ASP A 237 -8.32 -0.08 -8.75
C ASP A 237 -8.74 -1.54 -8.82
N ALA A 238 -9.14 -2.00 -10.00
CA ALA A 238 -9.64 -3.37 -10.15
C ALA A 238 -8.51 -4.39 -9.99
N TRP A 239 -7.34 -4.11 -10.57
CA TRP A 239 -6.21 -5.00 -10.37
C TRP A 239 -5.83 -5.08 -8.89
N ALA A 240 -5.86 -3.94 -8.19
CA ALA A 240 -5.50 -3.93 -6.78
C ALA A 240 -6.51 -4.70 -5.95
N ALA A 241 -7.80 -4.56 -6.25
CA ALA A 241 -8.83 -5.31 -5.54
C ALA A 241 -8.69 -6.81 -5.79
N ASN A 242 -8.39 -7.20 -7.03
CA ASN A 242 -8.16 -8.61 -7.34
C ASN A 242 -6.95 -9.14 -6.58
N LEU A 243 -5.88 -8.36 -6.53
CA LEU A 243 -4.65 -8.84 -5.89
C LEU A 243 -4.84 -8.96 -4.39
N GLN A 244 -5.50 -7.98 -3.76
CA GLN A 244 -5.81 -8.08 -2.34
C GLN A 244 -6.60 -9.33 -2.02
N ALA A 245 -7.59 -9.66 -2.87
CA ALA A 245 -8.43 -10.82 -2.62
C ALA A 245 -7.66 -12.12 -2.73
N ALA A 246 -6.54 -12.11 -3.44
CA ALA A 246 -5.72 -13.29 -3.64
C ALA A 246 -4.36 -13.13 -2.96
N ARG A 247 -4.32 -12.39 -1.85
CA ARG A 247 -3.06 -12.02 -1.21
C ARG A 247 -2.26 -13.25 -0.80
N GLU A 248 -2.91 -14.22 -0.17
CA GLU A 248 -2.19 -15.40 0.32
C GLU A 248 -1.54 -16.15 -0.83
N ARG A 249 -2.28 -16.39 -1.91
CA ARG A 249 -1.68 -17.07 -3.06
C ARG A 249 -0.61 -16.20 -3.71
N ALA A 250 -0.79 -14.87 -3.71
CA ALA A 250 0.23 -14.00 -4.29
C ALA A 250 1.54 -14.08 -3.51
N ILE A 251 1.44 -14.11 -2.18
CA ILE A 251 2.64 -14.24 -1.35
C ILE A 251 3.29 -15.60 -1.53
N ALA A 252 2.47 -16.65 -1.74
CA ALA A 252 3.04 -17.97 -1.94
C ALA A 252 3.80 -18.07 -3.26
N VAL A 253 3.24 -17.50 -4.33
CA VAL A 253 3.90 -17.52 -5.62
C VAL A 253 5.18 -16.68 -5.58
N GLN A 254 5.14 -15.52 -4.91
CA GLN A 254 6.29 -14.65 -4.85
C GLN A 254 6.66 -14.46 -3.39
N SER A 255 6.31 -13.33 -2.79
CA SER A 255 6.71 -13.00 -1.43
C SER A 255 5.84 -11.86 -0.93
N GLU A 256 5.88 -11.63 0.39
CA GLU A 256 5.14 -10.49 0.94
C GLU A 256 5.72 -9.18 0.44
N GLU A 257 7.06 -9.12 0.28
CA GLU A 257 7.68 -7.91 -0.24
C GLU A 257 7.18 -7.57 -1.64
N VAL A 258 7.06 -8.58 -2.50
CA VAL A 258 6.60 -8.33 -3.86
C VAL A 258 5.13 -7.97 -3.87
N TYR A 259 4.32 -8.66 -3.06
CA TYR A 259 2.90 -8.33 -2.96
C TYR A 259 2.72 -6.87 -2.54
N ASN A 260 3.39 -6.46 -1.46
CA ASN A 260 3.20 -5.10 -0.96
C ASN A 260 3.71 -4.07 -1.97
N ASN A 261 4.80 -4.39 -2.67
CA ASN A 261 5.31 -3.50 -3.69
C ASN A 261 4.31 -3.34 -4.82
N PHE A 262 3.78 -4.47 -5.33
CA PHE A 262 2.75 -4.40 -6.35
C PHE A 262 1.54 -3.62 -5.85
N MET A 263 1.14 -3.84 -4.60
CA MET A 263 -0.03 -3.11 -4.13
C MET A 263 0.26 -1.62 -4.03
N HIS A 264 1.49 -1.27 -3.63
CA HIS A 264 1.87 0.14 -3.58
C HIS A 264 1.86 0.74 -4.98
N TYR A 265 2.39 0.01 -5.96
CA TYR A 265 2.39 0.48 -7.35
C TYR A 265 0.97 0.70 -7.87
N LEU A 266 0.11 -0.30 -7.68
CA LEU A 266 -1.23 -0.26 -8.27
C LEU A 266 -2.06 0.86 -7.66
N THR A 267 -2.14 0.92 -6.33
CA THR A 267 -2.93 1.96 -5.68
C THR A 267 -2.31 3.33 -5.88
N GLY A 268 -0.97 3.41 -5.87
CA GLY A 268 -0.31 4.69 -6.03
C GLY A 268 -0.48 5.27 -7.42
N CYS A 269 -0.42 4.41 -8.45
CA CYS A 269 -0.66 4.87 -9.81
CA CYS A 269 -0.66 4.85 -9.81
C CYS A 269 -2.12 5.25 -10.02
N ALA A 270 -3.05 4.49 -9.43
CA ALA A 270 -4.47 4.82 -9.57
C ALA A 270 -4.75 6.19 -8.96
N GLU A 271 -4.16 6.46 -7.80
CA GLU A 271 -4.33 7.76 -7.14
C GLU A 271 -3.84 8.89 -8.03
N ARG A 272 -2.70 8.69 -8.70
CA ARG A 272 -2.10 9.77 -9.48
C ARG A 272 -2.75 9.93 -10.84
N PHE A 273 -3.40 8.89 -11.37
CA PHE A 273 -4.27 9.12 -12.53
C PHE A 273 -5.50 9.92 -12.13
N ARG A 274 -6.11 9.59 -10.99
CA ARG A 274 -7.30 10.32 -10.55
C ARG A 274 -6.98 11.79 -10.27
N ARG A 275 -5.79 12.06 -9.72
CA ARG A 275 -5.37 13.43 -9.46
C ARG A 275 -4.97 14.17 -10.72
N GLY A 276 -4.75 13.48 -11.83
CA GLY A 276 -4.41 14.13 -13.07
C GLY A 276 -2.94 14.42 -13.28
N LEU A 277 -2.05 13.75 -12.55
CA LEU A 277 -0.61 13.98 -12.65
C LEU A 277 -0.03 13.44 -13.95
N ILE A 278 -0.57 12.35 -14.46
CA ILE A 278 -0.15 11.77 -15.73
C ILE A 278 -1.40 11.41 -16.51
N ASN A 279 -1.22 10.96 -17.75
CA ASN A 279 -2.36 10.61 -18.58
C ASN A 279 -1.99 9.42 -19.45
N VAL A 280 -2.99 8.91 -20.15
CA VAL A 280 -2.85 7.81 -21.10
C VAL A 280 -3.82 8.10 -22.23
N ALA A 281 -3.39 7.85 -23.48
CA ALA A 281 -4.19 8.27 -24.60
C ALA A 281 -3.94 7.36 -25.79
N GLN A 282 -4.94 7.30 -26.68
CA GLN A 282 -4.82 6.62 -27.96
C GLN A 282 -4.70 7.69 -29.04
N PHE A 283 -3.60 7.66 -29.77
CA PHE A 283 -3.32 8.61 -30.84
C PHE A 283 -3.57 7.90 -32.17
N THR A 284 -4.60 8.33 -32.90
CA THR A 284 -4.85 7.80 -34.24
C THR A 284 -3.97 8.54 -35.23
N MET A 285 -3.16 7.81 -35.98
CA MET A 285 -2.01 8.38 -36.66
C MET A 285 -2.09 7.94 -38.11
N THR A 286 -2.18 8.92 -39.03
CA THR A 286 -2.42 8.61 -40.43
C THR A 286 -1.34 9.24 -41.30
N LYS A 287 -1.33 8.84 -42.57
CA LYS A 287 -0.32 9.27 -43.53
C LYS A 287 -0.87 10.34 -44.47
N ASP B 17 -6.24 16.45 12.40
CA ASP B 17 -6.35 15.17 13.09
C ASP B 17 -7.24 14.20 12.31
N ILE B 18 -6.97 12.91 12.47
CA ILE B 18 -7.77 11.89 11.81
C ILE B 18 -9.03 11.67 12.63
N SER B 19 -10.18 11.74 11.96
CA SER B 19 -11.47 11.66 12.64
C SER B 19 -11.67 10.32 13.33
N ASP B 20 -12.41 10.34 14.44
CA ASP B 20 -12.84 9.10 15.08
C ASP B 20 -13.62 8.23 14.11
N ASP B 21 -14.39 8.85 13.21
CA ASP B 21 -15.18 8.10 12.24
C ASP B 21 -14.29 7.25 11.33
N PHE B 22 -13.06 7.68 11.11
CA PHE B 22 -12.13 6.90 10.29
C PHE B 22 -11.61 5.69 11.04
N PHE B 23 -11.16 5.88 12.28
CA PHE B 23 -10.70 4.76 13.09
C PHE B 23 -11.81 3.75 13.33
N ALA B 24 -13.05 4.22 13.47
CA ALA B 24 -14.17 3.32 13.73
C ALA B 24 -14.37 2.31 12.61
N LEU B 25 -13.83 2.58 11.42
CA LEU B 25 -14.01 1.70 10.28
C LEU B 25 -13.17 0.43 10.35
N PHE B 26 -12.10 0.42 11.16
CA PHE B 26 -11.24 -0.76 11.20
C PHE B 26 -10.82 -1.20 12.59
N LEU B 27 -11.11 -0.46 13.65
CA LEU B 27 -10.88 -0.93 15.00
C LEU B 27 -12.08 -1.74 15.50
N ASP B 28 -11.83 -2.58 16.49
CA ASP B 28 -12.87 -3.39 17.10
C ASP B 28 -13.68 -2.52 18.06
N PRO B 29 -14.78 -3.04 18.62
CA PRO B 29 -15.62 -2.20 19.50
C PRO B 29 -14.93 -1.71 20.77
N THR B 30 -13.78 -2.27 21.16
CA THR B 30 -13.08 -1.73 22.32
C THR B 30 -12.31 -0.45 22.01
N TRP B 31 -12.17 -0.09 20.73
CA TRP B 31 -11.38 1.07 20.29
C TRP B 31 -9.92 0.97 20.71
N VAL B 32 -9.39 -0.24 20.86
CA VAL B 32 -7.99 -0.41 21.20
C VAL B 32 -7.16 -0.36 19.92
N TYR B 33 -6.16 0.52 19.88
CA TYR B 33 -5.34 0.75 18.71
C TYR B 33 -3.89 0.35 19.01
N THR B 34 -3.73 -0.73 19.77
CA THR B 34 -2.43 -1.29 20.10
C THR B 34 -2.45 -2.78 19.84
N CYS B 35 -1.27 -3.40 19.93
CA CYS B 35 -1.11 -4.83 19.66
C CYS B 35 -2.09 -5.68 20.46
N ALA B 36 -2.81 -6.55 19.75
CA ALA B 36 -3.71 -7.50 20.37
C ALA B 36 -2.94 -8.77 20.78
N TYR B 37 -3.62 -9.64 21.51
CA TYR B 37 -3.03 -10.88 22.02
C TYR B 37 -3.97 -12.03 21.70
N PHE B 38 -3.66 -12.79 20.65
CA PHE B 38 -4.50 -13.93 20.26
C PHE B 38 -4.14 -15.12 21.14
N GLU B 39 -4.58 -15.03 22.40
CA GLU B 39 -4.35 -16.11 23.36
C GLU B 39 -4.88 -17.43 22.84
N ARG B 40 -6.02 -17.39 22.16
CA ARG B 40 -6.53 -18.53 21.40
C ARG B 40 -6.49 -18.17 19.91
N ASP B 41 -6.15 -19.15 19.08
CA ASP B 41 -5.92 -18.86 17.67
C ASP B 41 -7.19 -18.38 16.96
N ASP B 42 -8.35 -18.86 17.36
CA ASP B 42 -9.62 -18.49 16.73
C ASP B 42 -10.30 -17.32 17.42
N MET B 43 -9.56 -16.55 18.22
CA MET B 43 -10.13 -15.38 18.87
C MET B 43 -10.45 -14.31 17.83
N THR B 44 -11.55 -13.60 18.03
CA THR B 44 -11.82 -12.43 17.21
C THR B 44 -10.88 -11.29 17.62
N LEU B 45 -10.86 -10.23 16.81
CA LEU B 45 -10.04 -9.08 17.16
C LEU B 45 -10.45 -8.48 18.49
N GLU B 46 -11.77 -8.37 18.75
CA GLU B 46 -12.22 -7.84 20.03
C GLU B 46 -11.79 -8.74 21.18
N GLU B 47 -11.94 -10.06 21.02
CA GLU B 47 -11.52 -10.97 22.08
C GLU B 47 -10.01 -10.90 22.29
N ALA B 48 -9.25 -10.72 21.20
CA ALA B 48 -7.80 -10.63 21.32
C ALA B 48 -7.38 -9.34 21.99
N GLN B 49 -8.17 -8.26 21.83
CA GLN B 49 -7.81 -7.00 22.47
C GLN B 49 -8.12 -7.03 23.96
N LEU B 50 -9.27 -7.61 24.34
CA LEU B 50 -9.53 -7.83 25.75
C LEU B 50 -8.50 -8.76 26.36
N ALA B 51 -8.09 -9.79 25.62
CA ALA B 51 -7.08 -10.72 26.14
C ALA B 51 -5.76 -9.99 26.37
N LYS B 52 -5.42 -9.04 25.50
CA LYS B 52 -4.18 -8.29 25.70
C LYS B 52 -4.28 -7.42 26.95
N VAL B 53 -5.42 -6.77 27.18
CA VAL B 53 -5.59 -5.95 28.38
C VAL B 53 -5.53 -6.81 29.63
N ASP B 54 -6.26 -7.93 29.62
CA ASP B 54 -6.26 -8.84 30.77
C ASP B 54 -4.86 -9.42 30.99
N LEU B 55 -4.14 -9.74 29.93
CA LEU B 55 -2.77 -10.25 30.07
C LEU B 55 -1.92 -9.27 30.87
N ALA B 56 -2.02 -7.98 30.55
CA ALA B 56 -1.27 -6.96 31.27
C ALA B 56 -1.80 -6.77 32.67
N LEU B 57 -3.11 -6.61 32.82
CA LEU B 57 -3.69 -6.31 34.13
C LEU B 57 -3.51 -7.48 35.09
N ASP B 58 -3.52 -8.72 34.58
CA ASP B 58 -3.28 -9.87 35.45
C ASP B 58 -1.88 -9.84 36.04
N LYS B 59 -0.91 -9.28 35.32
CA LYS B 59 0.45 -9.21 35.82
C LYS B 59 0.63 -8.16 36.91
N LEU B 60 -0.36 -7.29 37.11
CA LEU B 60 -0.27 -6.24 38.13
C LEU B 60 -0.78 -6.69 39.48
N ASN B 61 -1.37 -7.88 39.59
CA ASN B 61 -1.92 -8.40 40.84
C ASN B 61 -2.86 -7.40 41.49
N LEU B 62 -3.88 -7.02 40.74
CA LEU B 62 -4.83 -6.01 41.19
C LEU B 62 -5.81 -6.59 42.20
N GLU B 63 -6.08 -5.83 43.24
CA GLU B 63 -7.18 -6.12 44.15
C GLU B 63 -8.22 -5.00 44.07
N PRO B 64 -9.49 -5.32 44.25
CA PRO B 64 -10.52 -4.28 44.19
C PRO B 64 -10.22 -3.14 45.15
N GLY B 65 -10.41 -1.92 44.69
CA GLY B 65 -10.17 -0.74 45.49
C GLY B 65 -8.81 -0.09 45.28
N MET B 66 -7.87 -0.79 44.64
CA MET B 66 -6.63 -0.14 44.27
C MET B 66 -6.90 0.96 43.24
N THR B 67 -5.89 1.78 43.01
CA THR B 67 -5.94 2.84 42.00
C THR B 67 -4.94 2.51 40.90
N LEU B 68 -5.44 2.42 39.67
CA LEU B 68 -4.64 2.07 38.51
C LEU B 68 -4.46 3.30 37.62
N LEU B 69 -3.22 3.57 37.23
CA LEU B 69 -2.90 4.65 36.30
C LEU B 69 -2.65 4.07 34.92
N ASP B 70 -3.33 4.61 33.91
CA ASP B 70 -3.12 4.28 32.50
C ASP B 70 -2.45 5.47 31.81
N VAL B 71 -1.19 5.30 31.45
CA VAL B 71 -0.42 6.36 30.79
C VAL B 71 -0.57 6.18 29.28
N GLY B 72 -1.24 7.15 28.65
CA GLY B 72 -1.58 7.03 27.24
C GLY B 72 -2.81 6.19 27.04
N CYS B 73 -3.94 6.65 27.58
CA CYS B 73 -5.11 5.79 27.73
C CYS B 73 -5.93 5.65 26.46
N GLY B 74 -5.59 6.35 25.38
CA GLY B 74 -6.31 6.16 24.13
C GLY B 74 -7.79 6.45 24.30
N TRP B 75 -8.61 5.70 23.59
CA TRP B 75 -10.06 5.86 23.66
C TRP B 75 -10.67 5.15 24.86
N GLY B 76 -9.85 4.72 25.83
CA GLY B 76 -10.34 4.26 27.12
C GLY B 76 -10.63 2.77 27.23
N GLY B 77 -10.19 1.96 26.26
CA GLY B 77 -10.52 0.54 26.32
C GLY B 77 -9.96 -0.16 27.55
N ALA B 78 -8.72 0.15 27.91
CA ALA B 78 -8.10 -0.51 29.05
C ALA B 78 -8.70 -0.05 30.37
N LEU B 79 -9.06 1.23 30.47
CA LEU B 79 -9.68 1.72 31.71
C LEU B 79 -11.03 1.08 31.93
N VAL B 80 -11.88 1.03 30.89
CA VAL B 80 -13.20 0.42 31.00
C VAL B 80 -13.07 -1.01 31.48
N ARG B 81 -12.18 -1.78 30.85
CA ARG B 81 -11.97 -3.17 31.23
C ARG B 81 -11.47 -3.27 32.66
N ALA B 82 -10.60 -2.34 33.06
CA ALA B 82 -10.04 -2.38 34.41
C ALA B 82 -11.14 -2.19 35.46
N VAL B 83 -12.03 -1.23 35.24
CA VAL B 83 -13.12 -1.01 36.19
C VAL B 83 -14.06 -2.21 36.19
N GLU B 84 -14.48 -2.65 35.00
CA GLU B 84 -15.55 -3.65 34.91
C GLU B 84 -15.10 -5.00 35.45
N LYS B 85 -13.91 -5.45 35.05
CA LYS B 85 -13.49 -6.80 35.43
C LYS B 85 -12.72 -6.82 36.75
N TYR B 86 -11.90 -5.81 37.02
CA TYR B 86 -11.02 -5.84 38.18
C TYR B 86 -11.47 -4.94 39.32
N ASP B 87 -12.47 -4.09 39.11
CA ASP B 87 -13.08 -3.30 40.18
C ASP B 87 -12.06 -2.40 40.87
N VAL B 88 -11.25 -1.71 40.07
CA VAL B 88 -10.29 -0.77 40.60
C VAL B 88 -10.71 0.64 40.22
N ASN B 89 -10.24 1.60 41.02
CA ASN B 89 -10.28 2.99 40.61
C ASN B 89 -9.27 3.20 39.49
N VAL B 90 -9.61 4.04 38.52
CA VAL B 90 -8.73 4.26 37.38
C VAL B 90 -8.51 5.75 37.14
N ILE B 91 -7.31 6.08 36.68
CA ILE B 91 -6.96 7.39 36.17
C ILE B 91 -6.25 7.18 34.84
N GLY B 92 -6.80 7.75 33.77
CA GLY B 92 -6.20 7.65 32.45
C GLY B 92 -5.65 9.01 32.02
N LEU B 93 -4.44 8.99 31.48
CA LEU B 93 -3.77 10.19 30.99
C LEU B 93 -3.64 10.13 29.48
N THR B 94 -3.99 11.23 28.82
CA THR B 94 -3.80 11.36 27.39
C THR B 94 -3.64 12.84 27.07
N LEU B 95 -2.94 13.12 25.98
CA LEU B 95 -2.82 14.47 25.46
C LEU B 95 -3.67 14.68 24.22
N SER B 96 -4.40 13.66 23.78
CA SER B 96 -5.26 13.73 22.61
C SER B 96 -6.69 14.00 23.08
N ARG B 97 -7.28 15.09 22.60
CA ARG B 97 -8.61 15.43 23.05
C ARG B 97 -9.66 14.43 22.56
N ASN B 98 -9.48 13.89 21.35
CA ASN B 98 -10.38 12.84 20.88
C ASN B 98 -10.31 11.63 21.81
N HIS B 99 -9.09 11.25 22.21
CA HIS B 99 -8.94 10.16 23.17
C HIS B 99 -9.58 10.51 24.50
N TYR B 100 -9.36 11.75 24.97
CA TYR B 100 -9.90 12.17 26.25
C TYR B 100 -11.43 12.12 26.25
N GLU B 101 -12.06 12.60 25.18
CA GLU B 101 -13.52 12.71 25.19
C GLU B 101 -14.19 11.34 25.19
N ARG B 102 -13.68 10.40 24.38
CA ARG B 102 -14.30 9.08 24.34
C ARG B 102 -14.01 8.30 25.62
N SER B 103 -12.80 8.45 26.18
CA SER B 103 -12.50 7.83 27.47
C SER B 103 -13.43 8.34 28.56
N LYS B 104 -13.60 9.66 28.64
CA LYS B 104 -14.49 10.25 29.64
C LYS B 104 -15.92 9.74 29.49
N ASP B 105 -16.42 9.73 28.26
CA ASP B 105 -17.80 9.28 28.03
C ASP B 105 -17.97 7.81 28.39
N ARG B 106 -17.00 6.98 27.99
CA ARG B 106 -17.12 5.54 28.24
C ARG B 106 -17.03 5.22 29.73
N LEU B 107 -16.14 5.90 30.45
CA LEU B 107 -16.05 5.68 31.89
C LEU B 107 -17.32 6.13 32.60
N ALA B 108 -17.91 7.25 32.17
CA ALA B 108 -19.14 7.72 32.79
C ALA B 108 -20.29 6.77 32.54
N ALA B 109 -20.28 6.08 31.40
CA ALA B 109 -21.40 5.21 31.05
C ALA B 109 -21.39 3.91 31.85
N ILE B 110 -20.26 3.55 32.47
CA ILE B 110 -20.22 2.33 33.28
C ILE B 110 -21.15 2.45 34.47
N GLY B 111 -21.26 3.64 35.05
CA GLY B 111 -22.03 3.82 36.25
C GLY B 111 -21.40 3.18 37.46
N THR B 112 -20.09 3.29 37.61
CA THR B 112 -19.36 2.66 38.70
C THR B 112 -19.32 3.59 39.90
N GLN B 113 -19.20 2.98 41.08
CA GLN B 113 -18.93 3.71 42.31
C GLN B 113 -17.44 3.95 42.53
N ARG B 114 -16.59 3.27 41.77
CA ARG B 114 -15.16 3.55 41.82
C ARG B 114 -14.87 4.91 41.18
N ARG B 115 -13.80 5.54 41.65
CA ARG B 115 -13.27 6.70 40.96
C ARG B 115 -12.78 6.29 39.58
N ALA B 116 -13.30 6.93 38.54
CA ALA B 116 -12.92 6.59 37.16
C ALA B 116 -12.85 7.90 36.38
N GLU B 117 -11.64 8.36 36.08
CA GLU B 117 -11.49 9.64 35.43
C GLU B 117 -10.44 9.58 34.33
N ALA B 118 -10.75 10.24 33.21
CA ALA B 118 -9.80 10.49 32.15
C ALA B 118 -9.32 11.93 32.26
N ARG B 119 -8.05 12.15 31.98
CA ARG B 119 -7.47 13.48 32.09
C ARG B 119 -6.72 13.85 30.82
N LEU B 120 -6.89 15.11 30.40
CA LEU B 120 -6.07 15.69 29.34
C LEU B 120 -4.80 16.22 30.00
N GLN B 121 -3.85 15.32 30.20
CA GLN B 121 -2.67 15.62 31.01
C GLN B 121 -1.54 14.68 30.62
N GLY B 122 -0.32 15.21 30.61
CA GLY B 122 0.85 14.39 30.39
C GLY B 122 1.39 13.79 31.67
N TRP B 123 2.09 12.66 31.54
CA TRP B 123 2.64 11.99 32.71
C TRP B 123 3.62 12.89 33.46
N GLU B 124 4.28 13.81 32.74
CA GLU B 124 5.25 14.70 33.38
C GLU B 124 4.61 15.58 34.43
N GLU B 125 3.32 15.88 34.30
CA GLU B 125 2.61 16.72 35.26
C GLU B 125 1.82 15.91 36.29
N PHE B 126 1.81 14.58 36.19
CA PHE B 126 1.04 13.76 37.12
C PHE B 126 1.89 13.41 38.33
N GLU B 127 1.34 13.64 39.53
CA GLU B 127 2.12 13.61 40.77
C GLU B 127 1.46 12.82 41.90
N GLU B 128 0.36 12.10 41.64
CA GLU B 128 -0.42 11.49 42.71
C GLU B 128 0.01 10.05 42.98
N ASN B 129 -0.18 9.61 44.23
CA ASN B 129 0.02 8.21 44.56
C ASN B 129 -0.96 7.33 43.78
N VAL B 130 -0.44 6.26 43.20
CA VAL B 130 -1.24 5.21 42.60
C VAL B 130 -0.65 3.88 43.01
N ASP B 131 -1.47 2.84 42.97
CA ASP B 131 -1.02 1.52 43.40
C ASP B 131 -0.31 0.77 42.27
N ARG B 132 -0.77 0.94 41.04
CA ARG B 132 -0.24 0.23 39.88
C ARG B 132 -0.27 1.15 38.68
N ILE B 133 0.60 0.88 37.70
CA ILE B 133 0.66 1.63 36.46
C ILE B 133 0.64 0.67 35.29
N VAL B 134 -0.14 0.99 34.25
CA VAL B 134 -0.10 0.29 32.99
C VAL B 134 0.03 1.32 31.88
N SER B 135 0.68 0.92 30.78
CA SER B 135 0.87 1.81 29.64
C SER B 135 1.04 0.97 28.39
N PHE B 136 0.20 1.23 27.38
CA PHE B 136 0.20 0.47 26.13
C PHE B 136 0.70 1.37 25.00
N GLU B 137 1.94 1.13 24.57
CA GLU B 137 2.52 1.77 23.39
C GLU B 137 2.45 3.29 23.47
N ALA B 138 2.68 3.82 24.66
CA ALA B 138 2.91 5.25 24.83
C ALA B 138 4.39 5.58 24.94
N PHE B 139 5.18 4.67 25.51
CA PHE B 139 6.59 4.93 25.79
C PHE B 139 7.37 5.22 24.52
N ASP B 140 7.13 4.44 23.46
CA ASP B 140 7.87 4.60 22.21
C ASP B 140 7.64 5.96 21.55
N ALA B 141 6.68 6.74 22.04
CA ALA B 141 6.48 8.11 21.57
C ALA B 141 7.17 9.14 22.45
N PHE B 142 7.66 8.74 23.62
CA PHE B 142 8.40 9.66 24.47
C PHE B 142 9.72 10.03 23.82
N LYS B 143 10.22 11.22 24.14
CA LYS B 143 11.52 11.62 23.66
C LYS B 143 12.62 11.01 24.53
N LYS B 144 13.74 10.70 23.90
CA LYS B 144 14.78 9.89 24.54
C LYS B 144 15.26 10.50 25.86
N GLU B 145 15.32 11.82 25.95
CA GLU B 145 15.83 12.44 27.16
C GLU B 145 14.84 12.38 28.32
N ARG B 146 13.64 11.83 28.10
CA ARG B 146 12.66 11.65 29.15
C ARG B 146 12.49 10.20 29.56
N TYR B 147 13.24 9.27 28.95
CA TYR B 147 13.12 7.86 29.28
C TYR B 147 13.38 7.63 30.77
N LEU B 148 14.53 8.09 31.27
CA LEU B 148 14.85 7.90 32.68
C LEU B 148 13.88 8.65 33.58
N THR B 149 13.51 9.88 33.19
CA THR B 149 12.58 10.67 33.99
C THR B 149 11.24 9.95 34.15
N PHE B 150 10.77 9.29 33.09
CA PHE B 150 9.52 8.55 33.17
C PHE B 150 9.60 7.44 34.22
N PHE B 151 10.68 6.66 34.21
CA PHE B 151 10.79 5.56 35.16
C PHE B 151 11.02 6.07 36.58
N GLU B 152 11.74 7.18 36.74
CA GLU B 152 11.90 7.77 38.08
C GLU B 152 10.56 8.24 38.62
N ARG B 153 9.76 8.91 37.78
CA ARG B 153 8.44 9.36 38.22
C ARG B 153 7.54 8.18 38.52
N SER B 154 7.56 7.15 37.67
CA SER B 154 6.74 5.96 37.91
C SER B 154 7.15 5.28 39.21
N TYR B 155 8.46 5.16 39.45
CA TYR B 155 8.94 4.60 40.71
C TYR B 155 8.48 5.42 41.90
N ASP B 156 8.54 6.76 41.79
CA ASP B 156 8.26 7.62 42.93
C ASP B 156 6.79 7.58 43.33
N ILE B 157 5.87 7.40 42.38
CA ILE B 157 4.44 7.46 42.69
C ILE B 157 3.88 6.10 43.09
N LEU B 158 4.64 5.01 42.89
CA LEU B 158 4.19 3.67 43.25
C LEU B 158 4.56 3.37 44.71
N PRO B 159 3.79 2.55 45.40
CA PRO B 159 4.19 2.11 46.74
C PRO B 159 5.39 1.17 46.66
N ASP B 160 5.92 0.80 47.82
CA ASP B 160 7.14 -0.01 47.86
C ASP B 160 6.95 -1.34 47.18
N ASP B 161 5.73 -1.90 47.20
CA ASP B 161 5.41 -3.13 46.50
C ASP B 161 4.63 -2.87 45.21
N GLY B 162 4.80 -1.68 44.63
CA GLY B 162 4.09 -1.37 43.41
C GLY B 162 4.65 -2.09 42.21
N ARG B 163 3.81 -2.18 41.17
CA ARG B 163 4.18 -2.84 39.93
C ARG B 163 3.74 -1.98 38.75
N MET B 164 4.52 -2.03 37.68
CA MET B 164 4.23 -1.32 36.45
C MET B 164 4.28 -2.34 35.32
N LEU B 165 3.27 -2.34 34.47
CA LEU B 165 3.29 -3.15 33.26
C LEU B 165 3.53 -2.18 32.11
N LEU B 166 4.71 -2.22 31.53
CA LEU B 166 5.07 -1.37 30.40
C LEU B 166 4.96 -2.19 29.12
N HIS B 167 4.00 -1.83 28.28
CA HIS B 167 3.78 -2.46 26.99
C HIS B 167 4.27 -1.48 25.93
N SER B 168 5.35 -1.84 25.25
CA SER B 168 6.02 -0.88 24.38
C SER B 168 6.61 -1.57 23.16
N LEU B 169 6.57 -0.85 22.03
CA LEU B 169 7.38 -1.22 20.88
C LEU B 169 8.85 -0.97 21.19
N PHE B 170 9.71 -1.69 20.48
CA PHE B 170 11.13 -1.37 20.50
C PHE B 170 11.77 -1.93 19.24
N THR B 171 12.89 -1.34 18.85
CA THR B 171 13.58 -1.72 17.64
C THR B 171 14.82 -2.54 17.96
N TYR B 172 15.26 -3.29 16.95
CA TYR B 172 16.52 -4.00 17.02
C TYR B 172 17.58 -3.23 16.25
N ASP B 173 18.79 -3.22 16.79
CA ASP B 173 19.93 -2.61 16.14
C ASP B 173 20.45 -3.52 15.02
N ARG B 174 21.09 -2.90 14.04
CA ARG B 174 21.49 -3.61 12.82
C ARG B 174 22.54 -4.69 13.11
N ARG B 175 23.41 -4.46 14.10
CA ARG B 175 24.38 -5.50 14.45
C ARG B 175 23.69 -6.76 14.94
N TRP B 176 22.72 -6.60 15.83
CA TRP B 176 21.99 -7.75 16.36
C TRP B 176 21.17 -8.45 15.27
N LEU B 177 20.52 -7.66 14.40
CA LEU B 177 19.82 -8.24 13.27
C LEU B 177 20.77 -9.04 12.38
N HIS B 178 21.93 -8.48 12.05
CA HIS B 178 22.92 -9.20 11.26
C HIS B 178 23.26 -10.54 11.90
N GLU B 179 23.41 -10.56 13.23
CA GLU B 179 23.70 -11.79 13.94
C GLU B 179 22.53 -12.77 13.89
N GLN B 180 21.32 -12.28 13.66
CA GLN B 180 20.16 -13.13 13.45
C GLN B 180 19.97 -13.51 12.00
N GLY B 181 20.86 -13.09 11.10
CA GLY B 181 20.71 -13.38 9.68
C GLY B 181 19.88 -12.39 8.90
N ILE B 182 19.63 -11.21 9.46
CA ILE B 182 18.71 -10.23 8.88
C ILE B 182 19.49 -8.97 8.54
N ALA B 183 19.25 -8.44 7.34
CA ALA B 183 19.80 -7.16 6.92
C ALA B 183 18.66 -6.26 6.44
N LEU B 184 18.85 -4.95 6.55
CA LEU B 184 17.85 -4.00 6.12
C LEU B 184 17.96 -3.76 4.62
N THR B 185 16.85 -3.93 3.90
CA THR B 185 16.81 -3.63 2.48
C THR B 185 16.60 -2.13 2.26
N MET B 186 16.77 -1.69 1.01
CA MET B 186 16.46 -0.30 0.69
C MET B 186 14.97 -0.02 0.82
N SER B 187 14.13 -1.04 0.64
CA SER B 187 12.71 -0.91 0.95
C SER B 187 12.49 -0.66 2.43
N ASP B 188 13.20 -1.42 3.29
CA ASP B 188 13.11 -1.19 4.73
C ASP B 188 13.55 0.21 5.11
N LEU B 189 14.58 0.72 4.45
CA LEU B 189 15.07 2.07 4.77
C LEU B 189 14.07 3.13 4.32
N ARG B 190 13.47 2.96 3.14
CA ARG B 190 12.43 3.88 2.69
C ARG B 190 11.26 3.89 3.65
N PHE B 191 10.92 2.73 4.22
CA PHE B 191 9.78 2.67 5.13
C PHE B 191 10.10 3.35 6.46
N LEU B 192 11.35 3.23 6.92
CA LEU B 192 11.75 3.94 8.12
C LEU B 192 11.69 5.44 7.92
N LYS B 193 12.14 5.92 6.75
CA LYS B 193 11.99 7.33 6.41
C LYS B 193 10.53 7.74 6.39
N PHE B 194 9.67 6.87 5.84
CA PHE B 194 8.25 7.15 5.80
C PHE B 194 7.66 7.25 7.20
N LEU B 195 8.12 6.40 8.12
CA LEU B 195 7.63 6.45 9.50
C LEU B 195 7.98 7.77 10.18
N ARG B 196 9.21 8.25 9.97
CA ARG B 196 9.62 9.49 10.61
C ARG B 196 8.92 10.71 10.00
N GLU B 197 8.94 10.82 8.68
CA GLU B 197 8.37 11.98 7.98
C GLU B 197 6.86 11.89 7.85
N SER B 198 6.18 11.14 8.71
CA SER B 198 4.74 11.06 8.66
C SER B 198 4.18 10.90 10.08
N ILE B 199 2.85 10.89 10.15
CA ILE B 199 2.14 10.99 11.42
C ILE B 199 2.16 9.69 12.19
N PHE B 200 2.73 8.63 11.62
CA PHE B 200 2.61 7.27 12.11
C PHE B 200 3.74 6.92 13.08
N PRO B 201 3.48 6.00 14.00
CA PRO B 201 4.50 5.58 14.96
C PRO B 201 5.55 4.68 14.34
N GLY B 202 6.66 4.53 15.06
CA GLY B 202 7.72 3.63 14.66
C GLY B 202 8.97 4.30 14.11
N GLY B 203 8.99 5.63 14.03
CA GLY B 203 10.12 6.33 13.47
C GLY B 203 11.38 6.28 14.31
N GLU B 204 11.30 6.77 15.54
CA GLU B 204 12.43 6.81 16.46
C GLU B 204 12.10 5.93 17.68
N LEU B 205 12.12 4.62 17.46
CA LEU B 205 11.76 3.69 18.51
C LEU B 205 12.87 3.55 19.54
N PRO B 206 12.52 3.30 20.80
CA PRO B 206 13.55 2.95 21.77
C PRO B 206 14.11 1.58 21.49
N SER B 207 15.35 1.35 21.89
CA SER B 207 15.89 0.02 21.93
C SER B 207 15.38 -0.71 23.17
N GLU B 208 15.56 -2.02 23.20
CA GLU B 208 15.28 -2.75 24.45
C GLU B 208 16.14 -2.26 25.60
N PRO B 209 17.45 -2.01 25.44
CA PRO B 209 18.20 -1.38 26.55
C PRO B 209 17.65 -0.03 26.98
N ASP B 210 17.14 0.77 26.03
CA ASP B 210 16.53 2.06 26.40
C ASP B 210 15.42 1.85 27.43
N ILE B 211 14.68 0.75 27.30
CA ILE B 211 13.63 0.44 28.26
C ILE B 211 14.24 -0.17 29.53
N VAL B 212 15.04 -1.23 29.35
CA VAL B 212 15.48 -2.04 30.48
C VAL B 212 16.51 -1.29 31.32
N ASP B 213 17.51 -0.67 30.67
CA ASP B 213 18.57 -0.02 31.43
C ASP B 213 18.04 1.17 32.23
N ASN B 214 17.13 1.96 31.63
CA ASN B 214 16.61 3.11 32.34
C ASN B 214 15.67 2.69 33.46
N ALA B 215 14.84 1.66 33.22
CA ALA B 215 13.97 1.15 34.28
C ALA B 215 14.80 0.67 35.47
N GLN B 216 15.86 -0.09 35.21
CA GLN B 216 16.69 -0.61 36.30
C GLN B 216 17.48 0.50 36.99
N ALA B 217 17.91 1.52 36.25
CA ALA B 217 18.61 2.64 36.87
C ALA B 217 17.70 3.39 37.83
N ALA B 218 16.40 3.43 37.55
CA ALA B 218 15.44 4.06 38.45
C ALA B 218 15.05 3.17 39.62
N GLY B 219 15.45 1.90 39.61
CA GLY B 219 15.22 1.00 40.72
C GLY B 219 14.28 -0.15 40.42
N PHE B 220 13.77 -0.28 39.20
CA PHE B 220 12.86 -1.36 38.89
C PHE B 220 13.59 -2.67 38.63
N THR B 221 12.92 -3.77 38.94
CA THR B 221 13.35 -5.10 38.54
C THR B 221 12.50 -5.55 37.37
N ILE B 222 13.14 -6.12 36.34
CA ILE B 222 12.41 -6.67 35.21
C ILE B 222 12.05 -8.11 35.55
N GLU B 223 10.82 -8.31 36.02
CA GLU B 223 10.37 -9.63 36.43
C GLU B 223 9.99 -10.51 35.23
N HIS B 224 9.53 -9.91 34.14
CA HIS B 224 9.05 -10.75 33.04
C HIS B 224 9.04 -9.92 31.77
N VAL B 225 9.44 -10.53 30.65
CA VAL B 225 9.35 -9.91 29.35
C VAL B 225 8.56 -10.86 28.45
N GLN B 226 7.41 -10.41 27.95
CA GLN B 226 6.61 -11.21 27.05
C GLN B 226 6.58 -10.55 25.68
N LEU B 227 7.20 -11.20 24.70
CA LEU B 227 7.26 -10.69 23.34
C LEU B 227 5.96 -10.99 22.61
N LEU B 228 5.52 -10.04 21.79
CA LEU B 228 4.25 -10.16 21.07
C LEU B 228 4.44 -9.87 19.59
N GLN B 229 5.65 -10.10 19.08
CA GLN B 229 6.02 -9.77 17.70
C GLN B 229 4.97 -10.25 16.72
N GLN B 230 4.70 -11.56 16.69
CA GLN B 230 3.82 -12.10 15.67
C GLN B 230 2.36 -11.79 15.94
N HIS B 231 1.99 -11.50 17.18
CA HIS B 231 0.64 -11.04 17.49
C HIS B 231 0.38 -9.68 16.87
N TYR B 232 1.40 -8.81 16.83
CA TYR B 232 1.21 -7.52 16.18
C TYR B 232 1.09 -7.66 14.67
N ALA B 233 1.87 -8.56 14.07
CA ALA B 233 1.73 -8.82 12.65
C ALA B 233 0.30 -9.23 12.31
N ARG B 234 -0.30 -10.11 13.11
CA ARG B 234 -1.68 -10.50 12.87
C ARG B 234 -2.64 -9.34 13.12
N THR B 235 -2.41 -8.59 14.19
CA THR B 235 -3.26 -7.43 14.50
C THR B 235 -3.27 -6.44 13.34
N LEU B 236 -2.09 -6.11 12.83
CA LEU B 236 -2.00 -5.17 11.72
C LEU B 236 -2.64 -5.74 10.46
N ASP B 237 -2.51 -7.04 10.24
CA ASP B 237 -3.21 -7.67 9.12
C ASP B 237 -4.72 -7.46 9.25
N ALA B 238 -5.24 -7.63 10.47
CA ALA B 238 -6.68 -7.49 10.69
C ALA B 238 -7.13 -6.05 10.45
N TRP B 239 -6.39 -5.07 10.98
CA TRP B 239 -6.74 -3.67 10.74
C TRP B 239 -6.68 -3.34 9.25
N ALA B 240 -5.64 -3.83 8.56
CA ALA B 240 -5.52 -3.57 7.13
C ALA B 240 -6.71 -4.13 6.36
N ALA B 241 -7.08 -5.38 6.64
CA ALA B 241 -8.20 -6.00 5.95
C ALA B 241 -9.51 -5.27 6.27
N ASN B 242 -9.66 -4.81 7.52
CA ASN B 242 -10.87 -4.10 7.90
C ASN B 242 -10.96 -2.77 7.17
N LEU B 243 -9.87 -2.01 7.12
CA LEU B 243 -9.88 -0.74 6.41
C LEU B 243 -10.04 -0.97 4.92
N GLN B 244 -9.41 -2.02 4.40
CA GLN B 244 -9.58 -2.41 3.00
C GLN B 244 -11.05 -2.62 2.66
N ALA B 245 -11.78 -3.28 3.57
CA ALA B 245 -13.19 -3.55 3.35
C ALA B 245 -14.04 -2.28 3.42
N ALA B 246 -13.54 -1.24 4.08
CA ALA B 246 -14.25 0.02 4.22
C ALA B 246 -13.64 1.13 3.39
N ARG B 247 -12.92 0.77 2.31
CA ARG B 247 -12.22 1.75 1.49
C ARG B 247 -13.11 2.92 1.09
N GLU B 248 -14.32 2.63 0.59
CA GLU B 248 -15.18 3.70 0.10
C GLU B 248 -15.56 4.67 1.21
N ARG B 249 -15.96 4.14 2.37
CA ARG B 249 -16.30 5.01 3.49
C ARG B 249 -15.08 5.73 4.03
N ALA B 250 -13.93 5.06 4.05
CA ALA B 250 -12.70 5.69 4.52
C ALA B 250 -12.32 6.88 3.67
N ILE B 251 -12.44 6.74 2.35
CA ILE B 251 -12.13 7.85 1.45
C ILE B 251 -13.13 8.98 1.64
N ALA B 252 -14.40 8.63 1.87
CA ALA B 252 -15.42 9.65 2.11
C ALA B 252 -15.15 10.41 3.40
N VAL B 253 -14.81 9.69 4.47
CA VAL B 253 -14.58 10.35 5.76
C VAL B 253 -13.31 11.19 5.71
N GLN B 254 -12.26 10.71 5.04
CA GLN B 254 -11.00 11.43 4.99
C GLN B 254 -10.68 11.69 3.52
N SER B 255 -9.80 10.89 2.91
CA SER B 255 -9.40 11.10 1.52
C SER B 255 -8.71 9.85 1.02
N GLU B 256 -8.55 9.78 -0.31
CA GLU B 256 -7.80 8.68 -0.89
C GLU B 256 -6.34 8.70 -0.43
N GLU B 257 -5.76 9.89 -0.31
CA GLU B 257 -4.38 10.00 0.15
C GLU B 257 -4.22 9.46 1.57
N VAL B 258 -5.18 9.75 2.44
CA VAL B 258 -5.08 9.29 3.83
C VAL B 258 -5.31 7.78 3.91
N TYR B 259 -6.28 7.27 3.16
CA TYR B 259 -6.51 5.83 3.11
C TYR B 259 -5.26 5.08 2.69
N ASN B 260 -4.62 5.52 1.59
CA ASN B 260 -3.44 4.83 1.09
C ASN B 260 -2.26 4.97 2.06
N ASN B 261 -2.13 6.12 2.72
CA ASN B 261 -1.08 6.28 3.71
C ASN B 261 -1.28 5.34 4.88
N PHE B 262 -2.51 5.24 5.39
CA PHE B 262 -2.80 4.27 6.44
C PHE B 262 -2.53 2.85 5.99
N MET B 263 -2.93 2.51 4.76
CA MET B 263 -2.68 1.16 4.26
C MET B 263 -1.20 0.89 4.13
N HIS B 264 -0.43 1.88 3.65
CA HIS B 264 1.02 1.73 3.57
C HIS B 264 1.62 1.44 4.94
N TYR B 265 1.17 2.18 5.97
CA TYR B 265 1.70 1.98 7.31
C TYR B 265 1.33 0.61 7.87
N LEU B 266 0.04 0.27 7.81
CA LEU B 266 -0.43 -0.98 8.40
C LEU B 266 0.25 -2.18 7.75
N THR B 267 0.20 -2.27 6.42
CA THR B 267 0.81 -3.41 5.74
C THR B 267 2.32 -3.39 5.85
N GLY B 268 2.91 -2.19 5.80
CA GLY B 268 4.35 -2.08 5.93
C GLY B 268 4.83 -2.50 7.31
N CYS B 269 4.09 -2.11 8.35
CA CYS B 269 4.47 -2.51 9.70
CA CYS B 269 4.44 -2.51 9.71
C CYS B 269 4.25 -4.00 9.92
N ALA B 270 3.16 -4.56 9.37
CA ALA B 270 2.93 -6.00 9.51
C ALA B 270 4.06 -6.80 8.89
N GLU B 271 4.49 -6.40 7.69
CA GLU B 271 5.60 -7.08 7.02
C GLU B 271 6.85 -7.09 7.88
N ARG B 272 7.15 -5.99 8.55
CA ARG B 272 8.41 -5.87 9.25
C ARG B 272 8.37 -6.43 10.66
N PHE B 273 7.21 -6.55 11.29
CA PHE B 273 7.10 -7.41 12.45
C PHE B 273 7.35 -8.87 12.06
N ARG B 274 6.75 -9.30 10.96
CA ARG B 274 6.90 -10.68 10.51
C ARG B 274 8.35 -10.99 10.16
N ARG B 275 9.08 -10.02 9.62
CA ARG B 275 10.48 -10.24 9.28
C ARG B 275 11.40 -10.14 10.49
N GLY B 276 10.91 -9.64 11.62
CA GLY B 276 11.70 -9.57 12.83
C GLY B 276 12.52 -8.31 12.98
N LEU B 277 12.19 -7.24 12.25
CA LEU B 277 13.00 -6.01 12.31
C LEU B 277 12.75 -5.22 13.58
N ILE B 278 11.53 -5.29 14.12
CA ILE B 278 11.16 -4.62 15.36
C ILE B 278 10.35 -5.60 16.20
N ASN B 279 10.06 -5.19 17.43
CA ASN B 279 9.30 -6.06 18.33
C ASN B 279 8.41 -5.21 19.21
N VAL B 280 7.56 -5.90 19.97
CA VAL B 280 6.69 -5.28 20.97
C VAL B 280 6.59 -6.25 22.13
N ALA B 281 6.66 -5.73 23.35
CA ALA B 281 6.72 -6.60 24.52
C ALA B 281 6.03 -5.94 25.70
N GLN B 282 5.62 -6.78 26.63
CA GLN B 282 5.09 -6.35 27.92
C GLN B 282 6.15 -6.62 28.97
N PHE B 283 6.62 -5.56 29.62
CA PHE B 283 7.66 -5.66 30.64
C PHE B 283 6.99 -5.56 32.01
N THR B 284 7.04 -6.66 32.77
CA THR B 284 6.53 -6.65 34.13
C THR B 284 7.62 -6.11 35.05
N MET B 285 7.32 -5.05 35.77
CA MET B 285 8.33 -4.16 36.30
C MET B 285 8.03 -3.94 37.78
N THR B 286 8.90 -4.44 38.66
CA THR B 286 8.63 -4.51 40.08
C THR B 286 9.63 -3.67 40.87
N LYS B 287 9.32 -3.47 42.14
CA LYS B 287 10.12 -2.64 43.05
C LYS B 287 10.73 -3.48 44.17
#